data_3A9G
#
_entry.id   3A9G
#
_cell.length_a   177.740
_cell.length_b   177.740
_cell.length_c   89.937
_cell.angle_alpha   90.00
_cell.angle_beta   90.00
_cell.angle_gamma   90.00
#
_symmetry.space_group_name_H-M   'I 41 2 2'
#
loop_
_entity.id
_entity.type
_entity.pdbx_description
1 polymer 'Putative uncharacterized protein'
2 branched alpha-D-glucopyranose-(1-1)-alpha-D-glucopyranose
3 non-polymer 'CALCIUM ION'
4 water water
#
_entity_poly.entity_id   1
_entity_poly.type   'polypeptide(L)'
_entity_poly.pdbx_seq_one_letter_code
;SLGLLTALIRKGPSEEWKFKISEVASDLEVPWSIAPLGGGRYLVTERPGRLVLISPSGKKLVASFDVANVGEAGLLGLAL
HPEFPKKSWVYLYASYFAEGGHIRNRVIRGRLDGSTFKLKEVKTLIDGIPGAYIHNGGRIRFGPDGMLYITTGDAADPRL
AQDLSSLAGKILRVDEEGRPPADNPFPNSPIWSYGHRNPQGIDWHRASGVMVATEHGPVGHDEVNIILKGGNYGWPLATG
KAGRGEFVDPVIDTGSETWAPSGASFVHGDMFPGLRGWLLIACLRGSMLAAVNFGDNMEVRKISTFFKNVFGRLRDVVID
DDGGILISTSNRDGRGSLRAGDDKILKIVSEQHT
;
_entity_poly.pdbx_strand_id   A
#
loop_
_chem_comp.id
_chem_comp.type
_chem_comp.name
_chem_comp.formula
CA non-polymer 'CALCIUM ION' 'Ca 2'
GLC D-saccharide, alpha linking alpha-D-glucopyranose 'C6 H12 O6'
#
# COMPACT_ATOMS: atom_id res chain seq x y z
N GLU A 16 24.38 -13.83 8.34
CA GLU A 16 23.51 -12.85 9.08
C GLU A 16 23.39 -11.57 8.25
N TRP A 17 22.17 -11.07 8.08
CA TRP A 17 21.94 -9.77 7.41
C TRP A 17 22.46 -8.58 8.26
N LYS A 18 23.31 -7.76 7.64
CA LYS A 18 24.03 -6.67 8.32
C LYS A 18 23.58 -5.29 7.83
N PHE A 19 23.24 -4.39 8.74
CA PHE A 19 22.60 -3.13 8.39
C PHE A 19 22.76 -2.07 9.49
N LYS A 20 22.50 -0.80 9.15
CA LYS A 20 22.31 0.25 10.15
C LYS A 20 20.92 0.89 10.01
N ILE A 21 20.25 1.17 11.14
CA ILE A 21 18.94 1.83 11.07
C ILE A 21 18.84 3.18 11.79
N SER A 22 18.48 4.21 11.03
CA SER A 22 18.21 5.54 11.58
C SER A 22 16.72 5.91 11.52
N GLU A 23 16.34 6.90 12.32
CA GLU A 23 15.00 7.48 12.27
C GLU A 23 14.97 8.67 11.31
N VAL A 24 14.22 8.54 10.24
CA VAL A 24 14.04 9.59 9.24
C VAL A 24 13.06 10.66 9.73
N ALA A 25 12.07 10.25 10.53
CA ALA A 25 11.05 11.15 11.04
C ALA A 25 10.39 10.50 12.23
N SER A 26 9.79 11.32 13.08
CA SER A 26 9.14 10.82 14.28
C SER A 26 7.92 11.66 14.65
N ASP A 27 7.22 11.20 15.67
CA ASP A 27 5.86 11.63 16.06
C ASP A 27 4.87 11.95 14.92
N LEU A 28 4.84 11.07 13.93
CA LEU A 28 3.77 11.06 12.94
C LEU A 28 2.55 10.33 13.52
N GLU A 29 1.37 10.62 13.01
CA GLU A 29 0.19 9.91 13.48
C GLU A 29 -0.30 8.98 12.35
N VAL A 30 0.02 7.70 12.50
CA VAL A 30 -0.32 6.67 11.53
C VAL A 30 0.16 7.03 10.14
N PRO A 31 1.51 7.12 9.95
CA PRO A 31 2.00 7.37 8.59
C PRO A 31 1.60 6.18 7.68
N TRP A 32 0.68 6.43 6.76
CA TRP A 32 0.05 5.33 6.01
C TRP A 32 0.86 4.98 4.76
N SER A 33 1.38 6.00 4.11
CA SER A 33 2.04 5.83 2.83
C SER A 33 3.23 6.81 2.75
N ILE A 34 4.31 6.37 2.10
CA ILE A 34 5.53 7.15 1.93
C ILE A 34 5.91 7.18 0.46
N ALA A 35 6.10 8.38 -0.08
CA ALA A 35 6.61 8.56 -1.44
C ALA A 35 7.95 9.30 -1.37
N PRO A 36 9.06 8.58 -1.66
CA PRO A 36 10.40 9.18 -1.70
C PRO A 36 10.49 10.22 -2.81
N LEU A 37 10.99 11.41 -2.45
CA LEU A 37 11.21 12.49 -3.40
C LEU A 37 12.64 12.55 -3.94
N GLY A 38 13.59 11.93 -3.24
CA GLY A 38 15.01 12.01 -3.60
C GLY A 38 15.69 13.04 -2.73
N GLY A 39 16.96 12.78 -2.39
CA GLY A 39 17.76 13.72 -1.59
C GLY A 39 17.27 13.90 -0.16
N GLY A 40 16.76 12.82 0.43
CA GLY A 40 16.29 12.86 1.81
C GLY A 40 14.99 13.62 2.06
N ARG A 41 14.25 13.92 0.98
CA ARG A 41 12.89 14.49 1.08
C ARG A 41 11.82 13.38 0.86
N TYR A 42 10.75 13.42 1.66
CA TYR A 42 9.65 12.43 1.53
C TYR A 42 8.26 13.06 1.70
N LEU A 43 7.33 12.65 0.85
CA LEU A 43 5.89 12.93 1.09
C LEU A 43 5.23 11.76 1.83
N VAL A 44 4.44 12.07 2.85
CA VAL A 44 3.86 11.07 3.73
C VAL A 44 2.43 11.48 4.04
N THR A 45 1.50 10.53 3.97
CA THR A 45 0.16 10.75 4.47
C THR A 45 0.10 10.26 5.91
N GLU A 46 -0.60 11.03 6.73
CA GLU A 46 -0.96 10.62 8.04
C GLU A 46 -2.45 10.39 7.97
N ARG A 47 -2.88 9.27 8.55
CA ARG A 47 -4.25 8.78 8.38
C ARG A 47 -5.34 9.78 8.86
N PRO A 48 -5.10 10.54 9.96
CA PRO A 48 -6.07 11.59 10.33
C PRO A 48 -6.41 12.66 9.29
N GLY A 49 -5.64 12.77 8.21
CA GLY A 49 -6.00 13.68 7.14
C GLY A 49 -4.94 14.74 6.80
N ARG A 50 -3.67 14.39 6.90
CA ARG A 50 -2.65 15.35 6.48
C ARG A 50 -1.55 14.76 5.61
N LEU A 51 -1.18 15.53 4.59
CA LEU A 51 -0.07 15.24 3.70
C LEU A 51 1.12 16.09 4.17
N VAL A 52 2.20 15.43 4.57
CA VAL A 52 3.38 16.12 5.09
C VAL A 52 4.61 15.93 4.23
N LEU A 53 5.43 16.98 4.14
CA LEU A 53 6.76 16.92 3.56
C LEU A 53 7.80 16.74 4.66
N ILE A 54 8.54 15.64 4.57
CA ILE A 54 9.66 15.38 5.44
C ILE A 54 10.94 15.73 4.68
N SER A 55 11.78 16.54 5.32
CA SER A 55 13.09 16.95 4.80
C SER A 55 14.14 16.81 5.90
N PRO A 56 15.45 16.84 5.53
CA PRO A 56 16.49 16.80 6.58
C PRO A 56 16.34 18.02 7.49
N SER A 57 16.09 19.17 6.85
CA SER A 57 15.63 20.41 7.49
C SER A 57 14.48 20.25 8.52
N GLY A 58 13.43 19.50 8.21
CA GLY A 58 12.31 19.27 9.15
C GLY A 58 11.01 18.71 8.58
N LYS A 59 9.89 19.06 9.22
CA LYS A 59 8.53 18.58 8.83
C LYS A 59 7.64 19.73 8.36
N LYS A 60 7.06 19.60 7.16
CA LYS A 60 6.21 20.65 6.60
C LYS A 60 4.82 20.12 6.17
N LEU A 61 3.75 20.73 6.70
CA LEU A 61 2.36 20.44 6.28
C LEU A 61 2.08 20.94 4.87
N VAL A 62 1.82 20.02 3.94
CA VAL A 62 1.49 20.34 2.54
C VAL A 62 -0.02 20.59 2.35
N ALA A 63 -0.85 19.68 2.88
CA ALA A 63 -2.30 19.76 2.74
C ALA A 63 -2.97 19.07 3.91
N SER A 64 -4.13 19.59 4.28
CA SER A 64 -5.03 18.95 5.24
C SER A 64 -6.31 18.56 4.53
N PHE A 65 -6.88 17.43 4.93
CA PHE A 65 -8.12 16.95 4.35
C PHE A 65 -9.11 16.59 5.45
N ASP A 66 -10.38 16.91 5.20
CA ASP A 66 -11.48 16.48 6.05
C ASP A 66 -11.89 15.03 5.69
N VAL A 67 -11.25 14.06 6.32
CA VAL A 67 -11.47 12.65 6.00
C VAL A 67 -12.34 11.99 7.06
N ALA A 68 -12.92 10.84 6.74
CA ALA A 68 -13.56 10.02 7.76
C ALA A 68 -12.46 9.27 8.52
N ASN A 69 -12.06 9.86 9.64
CA ASN A 69 -10.97 9.36 10.47
C ASN A 69 -11.56 8.51 11.58
N VAL A 70 -11.89 7.27 11.23
CA VAL A 70 -12.63 6.41 12.13
C VAL A 70 -12.26 4.95 11.80
N GLY A 71 -12.09 4.10 12.82
CA GLY A 71 -11.59 2.75 12.59
C GLY A 71 -10.33 2.71 11.73
N GLU A 72 -10.40 1.97 10.62
CA GLU A 72 -9.28 1.82 9.69
C GLU A 72 -9.37 2.82 8.53
N ALA A 73 -10.39 3.69 8.56
CA ALA A 73 -10.61 4.68 7.51
C ALA A 73 -9.83 5.98 7.78
N GLY A 74 -9.55 6.72 6.72
CA GLY A 74 -8.93 8.04 6.86
C GLY A 74 -8.20 8.38 5.59
N LEU A 75 -7.09 9.11 5.70
CA LEU A 75 -6.23 9.41 4.55
C LEU A 75 -5.20 8.27 4.39
N LEU A 76 -5.19 7.62 3.23
CA LEU A 76 -4.50 6.33 3.08
C LEU A 76 -3.40 6.41 2.00
N GLY A 77 -3.62 5.79 0.85
CA GLY A 77 -2.62 5.75 -0.20
C GLY A 77 -2.19 7.08 -0.76
N LEU A 78 -0.99 7.06 -1.34
CA LEU A 78 -0.35 8.22 -1.92
C LEU A 78 0.51 7.72 -3.08
N ALA A 79 0.39 8.36 -4.23
CA ALA A 79 1.26 8.05 -5.36
C ALA A 79 1.62 9.32 -6.11
N LEU A 80 2.88 9.43 -6.52
CA LEU A 80 3.30 10.51 -7.40
C LEU A 80 3.19 10.06 -8.85
N HIS A 81 2.78 10.99 -9.71
CA HIS A 81 2.77 10.71 -11.15
C HIS A 81 4.12 10.16 -11.62
N PRO A 82 4.12 9.16 -12.53
CA PRO A 82 5.38 8.64 -13.03
C PRO A 82 6.36 9.72 -13.54
N GLU A 83 5.81 10.86 -13.99
CA GLU A 83 6.56 11.97 -14.56
C GLU A 83 6.81 13.11 -13.58
N PHE A 84 6.62 12.86 -12.29
CA PHE A 84 6.89 13.84 -11.24
C PHE A 84 8.40 14.12 -11.18
N PRO A 85 8.82 15.38 -10.91
CA PRO A 85 8.04 16.63 -10.67
C PRO A 85 7.68 17.41 -11.93
N LYS A 86 8.12 16.91 -13.09
CA LYS A 86 7.80 17.48 -14.40
C LYS A 86 6.27 17.55 -14.59
N LYS A 87 5.58 16.43 -14.35
CA LYS A 87 4.11 16.42 -14.21
C LYS A 87 3.84 16.39 -12.71
N SER A 88 3.40 17.52 -12.19
CA SER A 88 3.39 17.71 -10.74
C SER A 88 2.17 17.11 -10.01
N TRP A 89 1.63 16.01 -10.55
CA TRP A 89 0.43 15.38 -10.01
C TRP A 89 0.69 14.39 -8.87
N VAL A 90 -0.04 14.59 -7.78
CA VAL A 90 -0.03 13.71 -6.62
C VAL A 90 -1.45 13.15 -6.42
N TYR A 91 -1.53 11.84 -6.22
CA TYR A 91 -2.77 11.09 -6.06
C TYR A 91 -2.89 10.63 -4.61
N LEU A 92 -4.11 10.71 -4.07
CA LEU A 92 -4.42 10.30 -2.71
C LEU A 92 -5.69 9.45 -2.69
N TYR A 93 -5.73 8.51 -1.76
CA TYR A 93 -6.91 7.69 -1.51
C TYR A 93 -7.38 8.07 -0.12
N ALA A 94 -8.66 8.44 0.01
CA ALA A 94 -9.19 8.98 1.25
C ALA A 94 -10.63 8.53 1.52
N SER A 95 -10.91 8.29 2.78
CA SER A 95 -12.25 7.98 3.23
C SER A 95 -13.01 9.28 3.48
N TYR A 96 -14.32 9.26 3.26
CA TYR A 96 -15.19 10.41 3.51
C TYR A 96 -16.57 9.90 4.00
N PHE A 97 -17.29 10.73 4.74
CA PHE A 97 -18.66 10.42 5.14
C PHE A 97 -19.59 10.84 4.01
N ALA A 98 -20.36 9.89 3.48
CA ALA A 98 -21.23 10.13 2.32
C ALA A 98 -22.62 10.45 2.81
N GLU A 99 -23.56 10.65 1.88
CA GLU A 99 -25.00 10.85 2.21
C GLU A 99 -25.48 9.77 3.20
N GLY A 100 -26.16 10.18 4.24
CA GLY A 100 -26.59 9.27 5.29
C GLY A 100 -25.58 8.93 6.39
N GLY A 101 -24.34 9.41 6.28
CA GLY A 101 -23.30 9.13 7.29
C GLY A 101 -22.47 7.87 7.07
N HIS A 102 -22.67 7.24 5.92
CA HIS A 102 -21.92 6.04 5.50
C HIS A 102 -20.52 6.35 5.01
N ILE A 103 -19.59 5.46 5.31
CA ILE A 103 -18.20 5.66 4.95
C ILE A 103 -17.99 5.18 3.53
N ARG A 104 -17.40 6.04 2.69
CA ARG A 104 -17.01 5.66 1.36
C ARG A 104 -15.60 6.15 1.10
N ASN A 105 -15.04 5.76 -0.03
CA ASN A 105 -13.66 6.05 -0.37
C ASN A 105 -13.60 6.67 -1.76
N ARG A 106 -12.59 7.51 -1.95
CA ARG A 106 -12.37 8.21 -3.19
C ARG A 106 -10.87 8.31 -3.46
N VAL A 107 -10.55 8.47 -4.74
CA VAL A 107 -9.23 8.79 -5.19
C VAL A 107 -9.28 10.20 -5.74
N ILE A 108 -8.43 11.07 -5.20
CA ILE A 108 -8.35 12.48 -5.58
C ILE A 108 -6.97 12.79 -6.16
N ARG A 109 -6.86 13.91 -6.84
CA ARG A 109 -5.59 14.34 -7.40
C ARG A 109 -5.43 15.85 -7.34
N GLY A 110 -4.26 16.30 -6.93
CA GLY A 110 -3.90 17.72 -6.98
C GLY A 110 -2.56 17.94 -7.68
N ARG A 111 -2.23 19.21 -7.90
CA ARG A 111 -0.90 19.60 -8.40
C ARG A 111 -0.06 20.18 -7.28
N LEU A 112 1.13 19.62 -7.08
CA LEU A 112 2.02 20.09 -6.01
C LEU A 112 2.90 21.24 -6.51
N ASP A 113 2.83 22.38 -5.82
CA ASP A 113 3.64 23.57 -6.12
C ASP A 113 5.12 23.28 -5.83
N GLY A 114 5.96 23.43 -6.85
CA GLY A 114 7.35 23.03 -6.75
C GLY A 114 8.12 23.88 -5.76
N SER A 115 7.85 25.18 -5.76
CA SER A 115 8.26 26.04 -4.66
C SER A 115 7.08 26.35 -3.75
N THR A 116 7.37 26.53 -2.46
CA THR A 116 6.33 26.77 -1.47
C THR A 116 5.36 25.58 -1.37
N PHE A 117 5.93 24.40 -0.96
CA PHE A 117 5.20 23.16 -1.21
C PHE A 117 3.80 23.21 -0.62
N LYS A 118 2.85 23.50 -1.67
CA LYS A 118 1.42 23.46 -1.37
C LYS A 118 0.63 22.84 -2.52
N LEU A 119 -0.50 22.21 -2.19
CA LEU A 119 -1.24 21.43 -3.16
C LEU A 119 -2.39 22.26 -3.74
N LYS A 120 -2.49 22.27 -5.06
CA LYS A 120 -3.55 23.03 -5.70
C LYS A 120 -4.37 22.23 -6.72
N GLU A 121 -5.54 22.77 -7.06
CA GLU A 121 -6.48 22.18 -8.03
C GLU A 121 -6.79 20.70 -7.79
N VAL A 122 -7.16 20.41 -6.55
CA VAL A 122 -7.58 19.10 -6.12
C VAL A 122 -8.96 18.77 -6.73
N LYS A 123 -9.05 17.61 -7.36
CA LYS A 123 -10.31 17.10 -7.84
C LYS A 123 -10.42 15.61 -7.59
N THR A 124 -11.66 15.15 -7.50
CA THR A 124 -11.95 13.74 -7.36
C THR A 124 -11.84 13.06 -8.71
N LEU A 125 -11.17 11.91 -8.75
CA LEU A 125 -11.09 11.09 -9.96
C LEU A 125 -12.11 9.94 -9.92
N ILE A 126 -12.17 9.28 -8.77
CA ILE A 126 -13.05 8.13 -8.55
C ILE A 126 -13.70 8.31 -7.20
N ASP A 127 -15.01 8.06 -7.20
CA ASP A 127 -15.95 8.38 -6.14
C ASP A 127 -16.73 7.13 -5.71
N GLY A 128 -17.34 7.18 -4.53
CA GLY A 128 -18.33 6.18 -4.13
C GLY A 128 -17.91 4.73 -3.98
N ILE A 129 -16.60 4.46 -3.85
CA ILE A 129 -16.11 3.14 -3.46
C ILE A 129 -16.67 2.85 -2.07
N PRO A 130 -17.29 1.65 -1.86
CA PRO A 130 -17.77 1.32 -0.53
C PRO A 130 -16.70 1.34 0.56
N GLY A 131 -17.14 1.65 1.78
CA GLY A 131 -16.24 1.75 2.90
C GLY A 131 -16.93 1.37 4.18
N ALA A 132 -16.16 1.38 5.26
CA ALA A 132 -16.57 0.90 6.56
C ALA A 132 -15.50 1.26 7.60
N TYR A 133 -15.79 0.87 8.85
CA TYR A 133 -14.81 0.95 9.91
C TYR A 133 -13.63 0.04 9.63
N ILE A 134 -13.87 -1.00 8.83
CA ILE A 134 -12.86 -1.99 8.45
C ILE A 134 -12.86 -2.21 6.93
N HIS A 135 -11.72 -2.65 6.41
CA HIS A 135 -11.57 -3.14 5.02
C HIS A 135 -11.84 -2.11 3.95
N ASN A 136 -11.02 -1.06 3.95
CA ASN A 136 -11.10 0.02 2.98
C ASN A 136 -10.03 -0.08 1.91
N GLY A 137 -9.17 -1.11 1.99
CA GLY A 137 -8.04 -1.24 1.07
C GLY A 137 -7.19 0.02 1.18
N GLY A 138 -6.93 0.68 0.06
CA GLY A 138 -6.39 2.02 0.11
C GLY A 138 -4.99 2.27 -0.39
N ARG A 139 -4.30 1.21 -0.80
CA ARG A 139 -2.95 1.33 -1.35
C ARG A 139 -3.04 1.69 -2.83
N ILE A 140 -2.39 2.77 -3.23
CA ILE A 140 -2.34 3.17 -4.62
C ILE A 140 -0.88 3.27 -5.11
N ARG A 141 -0.64 2.93 -6.37
CA ARG A 141 0.70 2.86 -6.93
C ARG A 141 0.64 2.73 -8.45
N PHE A 142 1.52 3.46 -9.14
CA PHE A 142 1.66 3.33 -10.57
C PHE A 142 2.50 2.11 -10.93
N GLY A 143 2.04 1.37 -11.94
CA GLY A 143 2.76 0.21 -12.41
C GLY A 143 3.68 0.54 -13.58
N PRO A 144 4.38 -0.49 -14.08
CA PRO A 144 5.30 -0.38 -15.23
C PRO A 144 4.61 0.09 -16.52
N ASP A 145 3.30 -0.14 -16.61
CA ASP A 145 2.50 0.29 -17.77
C ASP A 145 2.06 1.76 -17.68
N GLY A 146 2.42 2.43 -16.59
CA GLY A 146 2.05 3.85 -16.41
C GLY A 146 0.65 4.07 -15.88
N MET A 147 -0.05 2.99 -15.57
CA MET A 147 -1.41 3.09 -15.02
C MET A 147 -1.39 3.12 -13.50
N LEU A 148 -2.35 3.84 -12.92
CA LEU A 148 -2.58 3.85 -11.48
C LEU A 148 -3.41 2.63 -11.05
N TYR A 149 -2.85 1.85 -10.11
CA TYR A 149 -3.56 0.75 -9.49
C TYR A 149 -3.99 1.12 -8.08
N ILE A 150 -5.15 0.61 -7.67
CA ILE A 150 -5.87 1.03 -6.48
C ILE A 150 -6.44 -0.21 -5.86
N THR A 151 -6.11 -0.47 -4.59
CA THR A 151 -6.69 -1.60 -3.87
C THR A 151 -7.90 -1.15 -3.04
N THR A 152 -8.92 -1.99 -2.98
CA THR A 152 -10.12 -1.69 -2.20
C THR A 152 -10.51 -2.98 -1.44
N GLY A 153 -11.07 -2.82 -0.25
CA GLY A 153 -11.49 -3.97 0.52
C GLY A 153 -12.99 -4.19 0.41
N ASP A 154 -13.48 -5.25 1.04
CA ASP A 154 -14.87 -5.64 0.88
C ASP A 154 -15.84 -4.77 1.69
N ALA A 155 -15.30 -3.76 2.37
CA ALA A 155 -16.08 -2.83 3.19
C ALA A 155 -16.96 -3.53 4.20
N ALA A 156 -16.45 -4.62 4.78
CA ALA A 156 -17.21 -5.47 5.71
C ALA A 156 -18.44 -6.14 5.04
N ASP A 157 -18.46 -6.19 3.71
CA ASP A 157 -19.57 -6.80 2.96
C ASP A 157 -19.01 -7.80 1.94
N PRO A 158 -18.64 -9.02 2.40
CA PRO A 158 -17.85 -9.95 1.57
C PRO A 158 -18.40 -10.26 0.18
N ARG A 159 -19.72 -10.38 0.04
CA ARG A 159 -20.35 -10.71 -1.24
C ARG A 159 -19.95 -9.73 -2.34
N LEU A 160 -19.67 -8.48 -1.97
CA LEU A 160 -19.31 -7.43 -2.93
C LEU A 160 -18.01 -7.74 -3.71
N ALA A 161 -17.10 -8.52 -3.10
CA ALA A 161 -15.81 -8.90 -3.71
C ALA A 161 -15.97 -9.70 -5.00
N GLN A 162 -16.98 -10.57 -5.07
CA GLN A 162 -17.28 -11.35 -6.26
C GLN A 162 -18.11 -10.58 -7.28
N ASP A 163 -18.69 -9.45 -6.85
CA ASP A 163 -19.67 -8.74 -7.67
C ASP A 163 -18.98 -7.75 -8.58
N LEU A 164 -19.06 -7.98 -9.89
CA LEU A 164 -18.33 -7.13 -10.84
C LEU A 164 -18.95 -5.76 -11.11
N SER A 165 -20.09 -5.46 -10.50
CA SER A 165 -20.65 -4.13 -10.63
C SER A 165 -20.33 -3.30 -9.39
N SER A 166 -19.57 -3.90 -8.47
CA SER A 166 -19.13 -3.24 -7.25
C SER A 166 -17.61 -2.96 -7.26
N LEU A 167 -17.21 -1.78 -6.78
CA LEU A 167 -15.82 -1.37 -6.67
C LEU A 167 -15.12 -1.89 -5.41
N ALA A 168 -15.86 -2.54 -4.51
CA ALA A 168 -15.34 -3.14 -3.27
C ALA A 168 -14.74 -4.55 -3.50
N GLY A 169 -13.61 -4.82 -2.83
CA GLY A 169 -12.94 -6.11 -2.90
C GLY A 169 -12.21 -6.30 -4.22
N LYS A 170 -11.61 -5.23 -4.71
CA LYS A 170 -11.01 -5.20 -6.04
C LYS A 170 -9.61 -4.66 -6.02
N ILE A 171 -8.92 -4.86 -7.13
CA ILE A 171 -7.81 -4.01 -7.54
C ILE A 171 -8.28 -3.36 -8.81
N LEU A 172 -8.17 -2.04 -8.84
CA LEU A 172 -8.59 -1.17 -9.92
C LEU A 172 -7.37 -0.74 -10.72
N ARG A 173 -7.58 -0.40 -11.98
CA ARG A 173 -6.54 0.09 -12.84
C ARG A 173 -7.10 1.19 -13.74
N VAL A 174 -6.65 2.42 -13.52
CA VAL A 174 -7.11 3.58 -14.29
C VAL A 174 -5.93 4.39 -14.82
N ASP A 175 -6.19 5.28 -15.77
CA ASP A 175 -5.11 6.15 -16.25
C ASP A 175 -4.88 7.33 -15.31
N GLU A 176 -4.06 8.27 -15.74
CA GLU A 176 -3.67 9.42 -14.90
C GLU A 176 -4.87 10.34 -14.61
N GLU A 177 -5.97 10.06 -15.30
CA GLU A 177 -7.17 10.86 -15.20
C GLU A 177 -8.32 10.10 -14.53
N GLY A 178 -8.05 8.84 -14.16
CA GLY A 178 -9.04 8.02 -13.49
C GLY A 178 -9.96 7.29 -14.45
N ARG A 179 -9.57 7.22 -15.71
CA ARG A 179 -10.35 6.50 -16.73
C ARG A 179 -9.89 5.07 -16.92
N PRO A 180 -10.85 4.13 -17.07
CA PRO A 180 -10.45 2.77 -17.45
C PRO A 180 -9.88 2.74 -18.86
N PRO A 181 -8.67 2.15 -19.03
CA PRO A 181 -8.14 1.93 -20.37
C PRO A 181 -8.99 0.96 -21.15
N ALA A 182 -8.96 1.07 -22.48
CA ALA A 182 -9.77 0.24 -23.37
C ALA A 182 -9.47 -1.24 -23.16
N ASP A 183 -8.23 -1.56 -22.79
CA ASP A 183 -7.83 -2.96 -22.59
C ASP A 183 -7.97 -3.51 -21.14
N ASN A 184 -8.66 -2.78 -20.27
CA ASN A 184 -9.16 -3.35 -19.01
C ASN A 184 -10.01 -4.59 -19.29
N PRO A 185 -10.02 -5.58 -18.36
CA PRO A 185 -10.72 -6.85 -18.66
C PRO A 185 -12.25 -6.79 -18.76
N PHE A 186 -12.89 -5.76 -18.19
CA PHE A 186 -14.35 -5.71 -18.14
C PHE A 186 -14.89 -4.44 -18.82
N PRO A 187 -16.14 -4.48 -19.32
CA PRO A 187 -16.68 -3.41 -20.21
C PRO A 187 -16.74 -2.03 -19.54
N ASN A 188 -15.91 -1.09 -20.00
CA ASN A 188 -15.84 0.26 -19.43
C ASN A 188 -15.82 0.29 -17.90
N SER A 189 -14.95 -0.53 -17.32
CA SER A 189 -14.89 -0.74 -15.88
C SER A 189 -13.44 -0.57 -15.43
N PRO A 190 -13.22 0.12 -14.28
CA PRO A 190 -11.88 0.24 -13.68
C PRO A 190 -11.34 -1.06 -13.04
N ILE A 191 -12.13 -2.13 -12.95
CA ILE A 191 -11.69 -3.38 -12.30
C ILE A 191 -10.54 -4.07 -13.08
N TRP A 192 -9.51 -4.49 -12.35
CA TRP A 192 -8.39 -5.24 -12.91
C TRP A 192 -8.48 -6.67 -12.42
N SER A 193 -8.61 -6.84 -11.11
CA SER A 193 -8.81 -8.14 -10.54
C SER A 193 -9.84 -8.02 -9.43
N TYR A 194 -10.33 -9.17 -8.96
CA TYR A 194 -11.39 -9.18 -7.99
C TYR A 194 -11.29 -10.38 -7.07
N GLY A 195 -12.24 -10.50 -6.14
CA GLY A 195 -12.21 -11.54 -5.13
C GLY A 195 -11.20 -11.25 -4.04
N HIS A 196 -11.08 -9.98 -3.62
CA HIS A 196 -10.16 -9.56 -2.55
C HIS A 196 -10.90 -9.20 -1.25
N ARG A 197 -10.25 -9.47 -0.13
CA ARG A 197 -10.84 -9.16 1.16
C ARG A 197 -10.42 -7.79 1.64
N ASN A 198 -9.11 -7.61 1.83
CA ASN A 198 -8.56 -6.32 2.24
C ASN A 198 -7.11 -6.15 1.81
N PRO A 199 -6.88 -5.92 0.50
CA PRO A 199 -5.51 -5.77 0.03
C PRO A 199 -4.96 -4.37 0.32
N GLN A 200 -3.75 -4.32 0.88
CA GLN A 200 -3.13 -3.07 1.31
C GLN A 200 -1.68 -2.96 0.85
N GLY A 201 -1.33 -3.79 -0.13
CA GLY A 201 0.04 -3.92 -0.59
C GLY A 201 0.10 -4.38 -2.02
N ILE A 202 0.73 -3.58 -2.86
CA ILE A 202 1.01 -3.94 -4.26
C ILE A 202 2.40 -3.48 -4.68
N ASP A 203 3.06 -4.29 -5.51
CA ASP A 203 4.27 -3.87 -6.22
C ASP A 203 4.52 -4.77 -7.45
N TRP A 204 5.41 -4.30 -8.31
CA TRP A 204 5.83 -5.04 -9.50
C TRP A 204 7.31 -5.44 -9.44
N HIS A 205 7.56 -6.71 -9.77
CA HIS A 205 8.90 -7.26 -9.84
C HIS A 205 9.68 -6.50 -10.89
N ARG A 206 10.80 -5.91 -10.47
CA ARG A 206 11.52 -4.94 -11.29
C ARG A 206 12.10 -5.55 -12.58
N ALA A 207 12.45 -6.84 -12.54
CA ALA A 207 12.95 -7.53 -13.74
C ALA A 207 11.85 -8.12 -14.63
N SER A 208 10.92 -8.88 -14.04
CA SER A 208 9.87 -9.55 -14.83
C SER A 208 8.62 -8.71 -15.09
N GLY A 209 8.39 -7.68 -14.28
CA GLY A 209 7.14 -6.89 -14.35
C GLY A 209 5.91 -7.64 -13.85
N VAL A 210 6.12 -8.78 -13.19
CA VAL A 210 5.06 -9.56 -12.55
C VAL A 210 4.53 -8.77 -11.33
N MET A 211 3.19 -8.66 -11.23
CA MET A 211 2.55 -7.87 -10.17
C MET A 211 2.21 -8.73 -8.97
N VAL A 212 2.46 -8.20 -7.79
CA VAL A 212 2.18 -8.92 -6.56
C VAL A 212 1.26 -8.06 -5.65
N ALA A 213 0.47 -8.72 -4.80
CA ALA A 213 -0.39 -8.02 -3.86
C ALA A 213 -0.44 -8.78 -2.56
N THR A 214 -0.50 -8.07 -1.46
CA THR A 214 -0.74 -8.71 -0.17
C THR A 214 -2.20 -8.52 0.22
N GLU A 215 -2.67 -9.28 1.20
CA GLU A 215 -4.05 -9.17 1.60
C GLU A 215 -4.18 -9.70 2.99
N HIS A 216 -5.06 -9.10 3.80
CA HIS A 216 -5.44 -9.64 5.09
C HIS A 216 -6.49 -10.71 4.90
N GLY A 217 -6.30 -11.88 5.51
CA GLY A 217 -7.30 -12.94 5.47
C GLY A 217 -8.17 -12.91 6.70
N PRO A 218 -9.19 -13.79 6.77
CA PRO A 218 -10.05 -13.86 7.96
C PRO A 218 -9.38 -14.48 9.20
N VAL A 219 -8.89 -13.60 10.08
CA VAL A 219 -7.98 -13.95 11.20
C VAL A 219 -6.61 -14.47 10.68
N GLY A 220 -6.56 -15.72 10.23
CA GLY A 220 -5.35 -16.22 9.57
C GLY A 220 -5.47 -16.04 8.07
N HIS A 221 -4.80 -16.89 7.30
CA HIS A 221 -4.90 -16.91 5.83
C HIS A 221 -4.61 -15.62 5.13
N ASP A 222 -3.64 -14.89 5.66
CA ASP A 222 -3.12 -13.73 4.97
C ASP A 222 -2.41 -14.23 3.72
N GLU A 223 -2.33 -13.37 2.72
CA GLU A 223 -1.96 -13.84 1.39
C GLU A 223 -0.95 -12.96 0.71
N VAL A 224 -0.15 -13.58 -0.13
CA VAL A 224 0.58 -12.89 -1.19
C VAL A 224 0.07 -13.49 -2.50
N ASN A 225 -0.40 -12.65 -3.41
CA ASN A 225 -1.00 -13.11 -4.67
C ASN A 225 -0.19 -12.56 -5.81
N ILE A 226 -0.03 -13.35 -6.87
CA ILE A 226 0.47 -12.80 -8.13
C ILE A 226 -0.75 -12.35 -8.92
N ILE A 227 -0.82 -11.04 -9.21
CA ILE A 227 -2.00 -10.47 -9.81
C ILE A 227 -1.99 -10.52 -11.33
N LEU A 228 -2.96 -11.28 -11.85
CA LEU A 228 -3.26 -11.34 -13.29
C LEU A 228 -4.48 -10.50 -13.67
N LYS A 229 -4.42 -9.93 -14.87
CA LYS A 229 -5.55 -9.27 -15.52
C LYS A 229 -6.82 -10.12 -15.48
N GLY A 230 -7.85 -9.64 -14.78
CA GLY A 230 -9.17 -10.26 -14.81
C GLY A 230 -9.34 -11.44 -13.88
N GLY A 231 -8.35 -11.65 -13.01
CA GLY A 231 -8.30 -12.80 -12.12
C GLY A 231 -9.21 -12.68 -10.90
N ASN A 232 -9.80 -13.82 -10.53
CA ASN A 232 -10.65 -13.96 -9.36
C ASN A 232 -9.88 -14.64 -8.22
N TYR A 233 -9.67 -13.90 -7.14
CA TYR A 233 -8.84 -14.35 -6.04
C TYR A 233 -9.63 -15.01 -4.93
N GLY A 234 -10.93 -15.23 -5.19
CA GLY A 234 -11.69 -16.20 -4.44
C GLY A 234 -12.57 -15.73 -3.30
N TRP A 235 -12.25 -14.58 -2.72
CA TRP A 235 -12.97 -14.13 -1.53
C TRP A 235 -14.41 -13.74 -1.90
N PRO A 236 -15.41 -14.18 -1.10
CA PRO A 236 -15.43 -14.99 0.13
C PRO A 236 -15.76 -16.47 -0.08
N LEU A 237 -15.64 -16.91 -1.33
CA LEU A 237 -15.95 -18.28 -1.74
C LEU A 237 -14.78 -19.23 -1.41
N ALA A 238 -13.60 -18.63 -1.31
CA ALA A 238 -12.37 -19.34 -1.03
C ALA A 238 -11.41 -18.41 -0.29
N THR A 239 -10.65 -19.03 0.60
CA THR A 239 -9.65 -18.36 1.42
C THR A 239 -8.35 -19.18 1.44
N GLY A 240 -7.22 -18.53 1.18
CA GLY A 240 -5.94 -19.23 1.10
C GLY A 240 -5.82 -20.11 -0.15
N LYS A 241 -5.06 -21.20 -0.04
CA LYS A 241 -4.85 -22.11 -1.16
C LYS A 241 -6.00 -23.10 -1.24
N ALA A 242 -6.97 -22.83 -2.11
CA ALA A 242 -8.21 -23.61 -2.18
C ALA A 242 -8.14 -24.77 -3.19
N GLY A 243 -7.25 -24.66 -4.18
CA GLY A 243 -7.06 -25.72 -5.16
C GLY A 243 -8.21 -25.94 -6.13
N ARG A 244 -8.91 -24.87 -6.50
CA ARG A 244 -10.06 -24.93 -7.42
C ARG A 244 -9.77 -24.16 -8.69
N GLY A 245 -10.23 -24.69 -9.82
CA GLY A 245 -10.04 -24.05 -11.10
C GLY A 245 -10.54 -22.61 -11.19
N GLU A 246 -11.68 -22.34 -10.56
CA GLU A 246 -12.35 -21.04 -10.71
C GLU A 246 -11.68 -19.86 -9.99
N PHE A 247 -10.81 -20.15 -9.01
CA PHE A 247 -10.13 -19.10 -8.22
C PHE A 247 -8.60 -19.20 -8.25
N VAL A 248 -7.96 -18.06 -8.48
CA VAL A 248 -6.49 -17.97 -8.43
C VAL A 248 -6.00 -18.01 -6.98
N ASP A 249 -5.18 -19.03 -6.70
CA ASP A 249 -4.67 -19.27 -5.35
C ASP A 249 -3.51 -18.34 -4.98
N PRO A 250 -3.34 -18.07 -3.67
CA PRO A 250 -2.16 -17.30 -3.28
C PRO A 250 -0.86 -18.15 -3.38
N VAL A 251 0.25 -17.44 -3.56
CA VAL A 251 1.56 -18.03 -3.60
C VAL A 251 2.08 -18.27 -2.16
N ILE A 252 1.61 -17.45 -1.21
CA ILE A 252 1.82 -17.66 0.22
C ILE A 252 0.47 -17.57 0.92
N ASP A 253 0.22 -18.50 1.84
CA ASP A 253 -0.98 -18.56 2.64
C ASP A 253 -0.52 -18.83 4.06
N THR A 254 -0.79 -17.91 4.99
CA THR A 254 -0.21 -17.99 6.36
C THR A 254 -0.90 -18.99 7.28
N GLY A 255 -1.98 -19.61 6.81
CA GLY A 255 -2.62 -20.66 7.57
C GLY A 255 -3.25 -20.10 8.82
N SER A 256 -3.00 -20.74 9.95
CA SER A 256 -3.56 -20.27 11.20
C SER A 256 -2.76 -19.12 11.81
N GLU A 257 -1.69 -18.72 11.14
CA GLU A 257 -0.87 -17.60 11.58
C GLU A 257 -1.36 -16.25 11.01
N THR A 258 -1.29 -15.20 11.85
CA THR A 258 -1.62 -13.84 11.45
C THR A 258 -0.39 -12.94 11.29
N TRP A 259 -0.07 -12.59 10.06
CA TRP A 259 0.88 -11.53 9.76
C TRP A 259 0.25 -10.11 9.79
N ALA A 260 -1.01 -10.00 9.33
CA ALA A 260 -1.65 -8.73 8.95
C ALA A 260 -0.75 -7.89 8.04
N PRO A 261 -0.47 -8.37 6.81
CA PRO A 261 0.42 -7.63 5.89
C PRO A 261 -0.24 -6.35 5.31
N SER A 262 0.54 -5.28 5.17
CA SER A 262 0.11 -4.11 4.40
C SER A 262 1.05 -3.85 3.27
N GLY A 263 1.77 -2.73 3.34
CA GLY A 263 2.64 -2.30 2.24
C GLY A 263 3.72 -3.31 1.87
N ALA A 264 4.09 -3.34 0.61
CA ALA A 264 5.03 -4.33 0.11
C ALA A 264 5.79 -3.68 -0.99
N SER A 265 7.10 -3.88 -0.99
CA SER A 265 7.98 -3.40 -2.08
C SER A 265 9.06 -4.40 -2.41
N PHE A 266 9.35 -4.54 -3.70
CA PHE A 266 10.49 -5.34 -4.14
C PHE A 266 11.77 -4.54 -3.90
N VAL A 267 12.78 -5.19 -3.32
CA VAL A 267 14.09 -4.54 -3.12
C VAL A 267 14.79 -4.32 -4.47
N HIS A 268 15.32 -3.13 -4.66
CA HIS A 268 16.13 -2.79 -5.83
C HIS A 268 17.13 -1.69 -5.47
N GLY A 269 18.07 -1.42 -6.37
CA GLY A 269 19.06 -0.36 -6.16
C GLY A 269 20.40 -0.84 -5.60
N ASP A 270 21.22 0.11 -5.16
CA ASP A 270 22.64 -0.13 -4.85
C ASP A 270 22.90 -0.70 -3.46
N MET A 271 22.11 -0.26 -2.50
CA MET A 271 22.33 -0.50 -1.08
C MET A 271 22.46 -1.97 -0.67
N PHE A 272 21.51 -2.80 -1.11
CA PHE A 272 21.47 -4.21 -0.73
C PHE A 272 21.39 -5.09 -1.97
N PRO A 273 22.56 -5.39 -2.57
CA PRO A 273 22.58 -6.23 -3.78
C PRO A 273 22.17 -7.67 -3.49
N GLY A 274 22.38 -8.13 -2.26
CA GLY A 274 21.99 -9.49 -1.86
C GLY A 274 20.50 -9.67 -1.69
N LEU A 275 19.77 -8.56 -1.51
CA LEU A 275 18.33 -8.59 -1.36
C LEU A 275 17.59 -8.23 -2.66
N ARG A 276 18.33 -8.04 -3.75
CA ARG A 276 17.70 -7.66 -5.01
C ARG A 276 16.65 -8.71 -5.43
N GLY A 277 15.45 -8.22 -5.76
CA GLY A 277 14.34 -9.09 -6.16
C GLY A 277 13.61 -9.79 -5.02
N TRP A 278 14.00 -9.53 -3.77
CA TRP A 278 13.21 -10.00 -2.63
C TRP A 278 12.00 -9.06 -2.40
N LEU A 279 10.91 -9.62 -1.89
CA LEU A 279 9.72 -8.85 -1.59
C LEU A 279 9.72 -8.54 -0.11
N LEU A 280 9.69 -7.25 0.21
CA LEU A 280 9.57 -6.81 1.60
C LEU A 280 8.12 -6.52 1.90
N ILE A 281 7.63 -7.05 3.02
CA ILE A 281 6.26 -6.82 3.46
C ILE A 281 6.20 -6.32 4.90
N ALA A 282 5.64 -5.12 5.08
CA ALA A 282 5.34 -4.58 6.42
C ALA A 282 4.10 -5.26 7.01
N CYS A 283 4.20 -5.70 8.27
CA CYS A 283 3.15 -6.44 8.95
C CYS A 283 2.69 -5.71 10.20
N LEU A 284 1.36 -5.62 10.34
CA LEU A 284 0.76 -4.82 11.39
C LEU A 284 0.73 -5.61 12.67
N ARG A 285 -0.29 -6.45 12.84
CA ARG A 285 -0.37 -7.27 14.04
C ARG A 285 0.86 -8.18 14.15
N GLY A 286 1.38 -8.63 13.01
CA GLY A 286 2.57 -9.45 12.96
C GLY A 286 3.81 -8.75 13.48
N SER A 287 3.87 -7.42 13.31
CA SER A 287 4.85 -6.53 13.97
C SER A 287 6.25 -6.86 13.52
N MET A 288 6.45 -6.88 12.20
CA MET A 288 7.66 -7.46 11.65
C MET A 288 7.76 -7.11 10.21
N LEU A 289 8.94 -7.32 9.68
CA LEU A 289 9.18 -7.14 8.26
C LEU A 289 9.43 -8.55 7.70
N ALA A 290 8.51 -9.02 6.86
CA ALA A 290 8.69 -10.29 6.17
C ALA A 290 9.46 -10.04 4.89
N ALA A 291 10.34 -10.98 4.53
CA ALA A 291 11.07 -10.91 3.26
C ALA A 291 10.91 -12.21 2.50
N VAL A 292 10.56 -12.10 1.22
CA VAL A 292 10.20 -13.23 0.39
C VAL A 292 11.10 -13.27 -0.83
N ASN A 293 11.78 -14.39 -1.00
CA ASN A 293 12.68 -14.59 -2.11
C ASN A 293 11.94 -15.38 -3.19
N PHE A 294 11.81 -14.78 -4.37
CA PHE A 294 11.20 -15.44 -5.51
C PHE A 294 12.28 -15.97 -6.45
N GLY A 295 12.17 -17.25 -6.80
CA GLY A 295 13.07 -17.87 -7.79
C GLY A 295 12.67 -17.51 -9.21
N ASP A 296 13.20 -18.26 -10.18
CA ASP A 296 12.81 -18.11 -11.58
C ASP A 296 11.38 -18.62 -11.69
N ASN A 297 10.58 -17.96 -12.53
CA ASN A 297 9.15 -18.26 -12.63
C ASN A 297 8.42 -18.04 -11.30
N MET A 298 8.88 -17.00 -10.57
CA MET A 298 8.19 -16.47 -9.38
C MET A 298 7.77 -17.49 -8.35
N GLU A 299 8.58 -18.54 -8.20
CA GLU A 299 8.37 -19.55 -7.18
C GLU A 299 8.93 -19.05 -5.84
N VAL A 300 8.28 -19.42 -4.75
CA VAL A 300 8.71 -18.97 -3.42
C VAL A 300 9.89 -19.81 -2.92
N ARG A 301 11.08 -19.21 -2.95
CA ARG A 301 12.32 -19.88 -2.54
C ARG A 301 12.46 -19.90 -1.03
N LYS A 302 12.25 -18.74 -0.41
CA LYS A 302 12.51 -18.56 1.00
C LYS A 302 11.63 -17.47 1.59
N ILE A 303 11.18 -17.67 2.83
CA ILE A 303 10.63 -16.56 3.57
C ILE A 303 11.29 -16.29 4.93
N SER A 304 11.78 -15.05 5.08
CA SER A 304 12.47 -14.59 6.27
C SER A 304 11.69 -13.51 7.01
N THR A 305 11.93 -13.42 8.31
CA THR A 305 11.16 -12.59 9.20
C THR A 305 12.11 -11.74 10.09
N PHE A 306 11.92 -10.42 10.11
CA PHE A 306 12.82 -9.50 10.81
C PHE A 306 12.09 -8.54 11.74
N PHE A 307 12.77 -8.15 12.83
CA PHE A 307 12.34 -7.11 13.76
C PHE A 307 11.03 -7.43 14.45
N LYS A 308 10.80 -8.70 14.71
CA LYS A 308 9.61 -9.15 15.39
C LYS A 308 9.46 -8.50 16.76
N ASN A 309 8.42 -7.68 16.90
CA ASN A 309 8.09 -6.99 18.15
C ASN A 309 9.09 -5.96 18.66
N VAL A 310 10.02 -5.49 17.84
CA VAL A 310 10.98 -4.49 18.34
C VAL A 310 10.52 -3.04 18.10
N PHE A 311 9.85 -2.81 16.96
CA PHE A 311 9.28 -1.50 16.62
C PHE A 311 7.76 -1.43 16.84
N GLY A 312 7.11 -2.58 17.01
CA GLY A 312 5.66 -2.68 17.06
C GLY A 312 5.11 -2.87 15.65
N ARG A 313 3.99 -2.22 15.36
CA ARG A 313 3.25 -2.45 14.11
C ARG A 313 3.91 -1.73 12.95
N LEU A 314 4.09 -2.44 11.83
CA LEU A 314 4.68 -1.82 10.66
C LEU A 314 3.62 -1.73 9.53
N ARG A 315 3.64 -0.64 8.76
CA ARG A 315 2.58 -0.36 7.80
C ARG A 315 3.02 -0.25 6.33
N ASP A 316 4.00 0.59 6.04
CA ASP A 316 4.47 0.71 4.66
C ASP A 316 5.96 0.33 4.58
N VAL A 317 6.38 -0.18 3.42
CA VAL A 317 7.78 -0.41 3.08
C VAL A 317 7.98 0.12 1.67
N VAL A 318 8.91 1.07 1.52
CA VAL A 318 9.33 1.57 0.21
C VAL A 318 10.87 1.65 0.10
N ILE A 319 11.37 1.56 -1.13
CA ILE A 319 12.80 1.72 -1.40
C ILE A 319 13.10 3.19 -1.69
N ASP A 320 14.13 3.72 -1.02
CA ASP A 320 14.58 5.10 -1.24
C ASP A 320 15.37 5.23 -2.55
N ASP A 321 15.69 6.47 -2.94
CA ASP A 321 16.40 6.72 -4.20
C ASP A 321 17.74 5.97 -4.27
N ASP A 322 18.42 5.88 -3.11
CA ASP A 322 19.72 5.20 -2.97
C ASP A 322 19.63 3.67 -2.81
N GLY A 323 18.45 3.16 -2.42
CA GLY A 323 18.24 1.71 -2.31
C GLY A 323 18.00 1.31 -0.87
N GLY A 324 17.94 2.31 0.00
CA GLY A 324 17.63 2.11 1.40
C GLY A 324 16.17 1.70 1.61
N ILE A 325 15.94 1.00 2.72
CA ILE A 325 14.62 0.49 3.02
C ILE A 325 13.92 1.41 4.01
N LEU A 326 12.84 2.03 3.56
CA LEU A 326 12.02 2.89 4.43
C LEU A 326 10.79 2.13 4.95
N ILE A 327 10.56 2.24 6.25
CA ILE A 327 9.47 1.54 6.92
C ILE A 327 8.75 2.51 7.84
N SER A 328 7.41 2.42 7.87
CA SER A 328 6.54 3.19 8.75
C SER A 328 6.06 2.34 9.89
N THR A 329 6.02 2.92 11.08
CA THR A 329 5.42 2.27 12.21
C THR A 329 3.97 2.74 12.31
N SER A 330 3.15 1.96 13.02
CA SER A 330 1.72 2.22 13.12
C SER A 330 1.22 1.83 14.51
N ASN A 331 1.87 2.34 15.54
CA ASN A 331 1.46 2.06 16.93
C ASN A 331 0.42 3.03 17.45
N ARG A 332 0.20 4.11 16.70
CA ARG A 332 -0.78 5.11 17.09
C ARG A 332 -2.15 4.91 16.40
N ASP A 333 -2.40 3.72 15.85
CA ASP A 333 -3.62 3.50 15.06
C ASP A 333 -4.80 2.94 15.85
N GLY A 334 -4.67 2.95 17.18
CA GLY A 334 -5.71 2.42 18.05
C GLY A 334 -5.45 0.99 18.46
N ARG A 335 -4.52 0.31 17.76
CA ARG A 335 -4.28 -1.13 17.98
C ARG A 335 -2.90 -1.47 18.54
N GLY A 336 -2.03 -0.48 18.70
CA GLY A 336 -0.68 -0.73 19.20
C GLY A 336 -0.31 -0.10 20.55
N SER A 337 0.85 -0.49 21.07
CA SER A 337 1.44 0.19 22.25
C SER A 337 2.62 1.09 21.82
N LEU A 338 2.63 2.33 22.32
CA LEU A 338 3.53 3.36 21.81
C LEU A 338 4.96 3.24 22.34
N ARG A 339 5.94 3.52 21.47
CA ARG A 339 7.31 3.83 21.87
C ARG A 339 7.45 5.36 21.86
N ALA A 340 8.44 5.88 22.59
CA ALA A 340 8.76 7.30 22.55
C ALA A 340 8.93 7.79 21.11
N GLY A 341 8.20 8.84 20.74
CA GLY A 341 8.35 9.43 19.39
C GLY A 341 7.63 8.71 18.24
N ASP A 342 6.83 7.70 18.57
CA ASP A 342 5.96 7.02 17.59
C ASP A 342 4.95 8.03 17.03
N ASP A 343 4.60 7.93 15.76
CA ASP A 343 5.08 6.91 14.85
C ASP A 343 6.25 7.43 14.03
N LYS A 344 7.03 6.50 13.49
CA LYS A 344 8.27 6.88 12.82
C LYS A 344 8.37 6.37 11.41
N ILE A 345 9.25 7.00 10.64
CA ILE A 345 9.74 6.44 9.41
C ILE A 345 11.22 6.05 9.65
N LEU A 346 11.52 4.77 9.49
CA LEU A 346 12.86 4.25 9.70
C LEU A 346 13.54 4.01 8.37
N LYS A 347 14.84 4.27 8.29
CA LYS A 347 15.60 3.95 7.10
C LYS A 347 16.65 2.88 7.41
N ILE A 348 16.71 1.85 6.58
CA ILE A 348 17.69 0.78 6.72
C ILE A 348 18.72 0.97 5.62
N VAL A 349 19.97 1.10 6.02
CA VAL A 349 21.10 1.23 5.09
C VAL A 349 22.14 0.14 5.35
N SER A 350 23.06 -0.06 4.41
CA SER A 350 24.15 -1.04 4.56
C SER A 350 25.12 -0.59 5.65
N GLU A 351 25.81 -1.57 6.24
CA GLU A 351 26.69 -1.29 7.38
C GLU A 351 27.83 -0.31 7.06
N GLN A 352 28.23 -0.27 5.78
CA GLN A 352 29.29 0.62 5.28
C GLN A 352 28.76 1.96 4.73
N HIS A 353 27.73 2.52 5.37
CA HIS A 353 27.04 3.71 4.84
C HIS A 353 27.05 4.86 5.86
C1 GLC B . -27.45 -12.33 -2.35
C2 GLC B . -28.13 -13.61 -2.87
C3 GLC B . -29.65 -13.50 -2.76
C4 GLC B . -30.03 -13.20 -1.31
C5 GLC B . -29.25 -12.02 -0.71
C6 GLC B . -29.41 -12.02 0.80
O2 GLC B . -27.71 -13.89 -4.22
O3 GLC B . -30.31 -14.72 -3.12
O4 GLC B . -31.43 -12.91 -1.28
O5 GLC B . -27.84 -12.07 -1.00
O6 GLC B . -29.19 -10.68 1.24
C1 GLC B . -27.21 -10.01 -2.93
C2 GLC B . -28.05 -8.87 -3.53
C3 GLC B . -28.07 -8.99 -5.04
C4 GLC B . -26.66 -8.91 -5.60
C5 GLC B . -25.66 -9.85 -4.92
C6 GLC B . -24.33 -9.10 -4.88
O1 GLC B . -27.84 -11.24 -3.17
O2 GLC B . -29.38 -8.94 -3.03
O3 GLC B . -28.86 -7.95 -5.61
O4 GLC B . -26.67 -9.17 -7.00
O5 GLC B . -25.91 -10.13 -3.54
O6 GLC B . -23.32 -10.02 -5.27
C1 GLC C . -5.91 -23.06 -11.45
C2 GLC C . -6.01 -21.92 -10.41
C3 GLC C . -5.30 -22.35 -9.13
C4 GLC C . -5.87 -23.66 -8.62
C5 GLC C . -5.76 -24.73 -9.69
C6 GLC C . -6.42 -26.01 -9.25
O2 GLC C . -5.46 -20.71 -10.91
O3 GLC C . -5.46 -21.37 -8.11
O4 GLC C . -5.20 -24.07 -7.44
O5 GLC C . -6.38 -24.29 -10.91
O6 GLC C . -6.10 -26.98 -10.21
C1 GLC C . -4.28 -23.92 -13.05
C2 GLC C . -2.77 -24.20 -13.12
C3 GLC C . -2.02 -22.91 -13.36
C4 GLC C . -2.49 -22.28 -14.66
C5 GLC C . -4.00 -22.04 -14.62
C6 GLC C . -4.41 -21.63 -16.04
O1 GLC C . -4.54 -23.21 -11.82
O2 GLC C . -2.27 -24.80 -11.92
O3 GLC C . -0.64 -23.18 -13.47
O4 GLC C . -1.79 -21.04 -14.88
O5 GLC C . -4.74 -23.20 -14.21
O6 GLC C . -5.81 -21.92 -16.20
CA CA D . -7.61 -15.37 -2.03
#